data_5ECU
#
_entry.id   5ECU
#
_cell.length_a   146.660
_cell.length_b   146.660
_cell.length_c   146.660
_cell.angle_alpha   90.00
_cell.angle_beta   90.00
_cell.angle_gamma   90.00
#
_symmetry.space_group_name_H-M   'I 2 3'
#
loop_
_entity.id
_entity.type
_entity.pdbx_description
1 polymer Cellulase
2 non-polymer 1,2-ETHANEDIOL
3 non-polymer GLYCEROL
4 non-polymer 'MALONATE ION'
5 non-polymer 'ACETATE ION'
6 non-polymer 'CALCIUM ION'
7 water water
#
_entity_poly.entity_id   1
_entity_poly.type   'polypeptide(L)'
_entity_poly.pdbx_seq_one_letter_code
;NTAYEKDKYPHLIGNSLVKKPSVAGRLQIIKQNGRRILADQNGEPIQLRGMSTHGLQWFPQIINNNAFAALANDWGCNVI
RLAMYIGEGGYATNPQVKDKVIEGIKLAIQNDMYVIVDWHVLNPGDPNAEIYKGAKDFFKEIAQKFPNDFHIIYELCNEP
NPTDPGVTNDEAGWKKVKAYAEPIIKMLRQMGNENIIIIGSPNWSQRPDFAIKDPIADDKVMYSVHFYTGTHKVDGYVFE
NMKMAIEAGVPVFVTEWGTSEASGDGGPYLDEADKWLEYLNANNISWVNWSLTNKNETSGAFVPYISGVSQATDLDLGSD
QKWDISELSISGEYVRSRIKGIPYQPIERTLKISQDQVACAPIGQPILPSDFEDGTRQGWDWDGPSGVKGALTIEEANGS
NALSWEVEYPEKKLQDGWASAPRLILRNINTTRGDCKYLCFDFYLKPKQATKGELAIFLAFAPPSLNYWAQAEDSFNIDL
TNLSTLKKTPDDLYSFKISFDLDKIKEGKIIGPDTHLRDIIIVVADVNSDFKGRMYLDNVRFTNMLFLEHHHHHH
;
_entity_poly.pdbx_strand_id   A
#
# COMPACT_ATOMS: atom_id res chain seq x y z
N THR A 2 -7.33 27.45 13.57
CA THR A 2 -6.06 27.93 12.92
C THR A 2 -5.51 26.89 11.87
N ALA A 3 -5.47 25.57 12.13
CA ALA A 3 -4.91 24.61 11.14
C ALA A 3 -5.47 24.81 9.76
N TYR A 4 -4.65 24.84 8.74
CA TYR A 4 -5.20 25.20 7.47
C TYR A 4 -6.10 24.17 6.88
N GLU A 5 -5.95 22.91 7.33
CA GLU A 5 -6.78 21.87 6.72
C GLU A 5 -8.27 22.02 7.09
N LYS A 6 -8.53 22.65 8.24
CA LYS A 6 -9.92 22.72 8.73
C LYS A 6 -10.80 23.45 7.74
N ASP A 7 -10.31 24.47 7.12
CA ASP A 7 -11.07 25.22 6.13
C ASP A 7 -10.94 24.63 4.78
N LYS A 8 -9.78 24.20 4.43
CA LYS A 8 -9.48 23.92 3.05
C LYS A 8 -9.65 22.38 2.65
N TYR A 9 -9.28 21.48 3.56
CA TYR A 9 -9.20 20.02 3.30
C TYR A 9 -9.67 19.36 4.60
N PRO A 10 -10.96 19.48 4.85
CA PRO A 10 -11.44 19.06 6.21
C PRO A 10 -11.42 17.61 6.50
N HIS A 11 -11.41 16.76 5.43
CA HIS A 11 -11.34 15.37 5.70
C HIS A 11 -9.94 14.85 6.06
N LEU A 12 -8.94 15.76 6.03
CA LEU A 12 -7.61 15.36 6.44
C LEU A 12 -7.44 15.19 7.94
N ILE A 13 -8.33 15.82 8.72
CA ILE A 13 -8.23 15.81 10.17
C ILE A 13 -9.23 14.77 10.73
N GLY A 14 -8.72 13.93 11.65
CA GLY A 14 -9.49 12.87 12.23
C GLY A 14 -9.00 11.51 11.84
N ASN A 15 -9.39 10.54 12.67
CA ASN A 15 -9.08 9.13 12.39
C ASN A 15 -10.10 8.14 12.94
N SER A 16 -11.36 8.62 13.19
N SER A 16 -11.36 8.62 13.04
CA SER A 16 -12.28 7.68 13.81
CA SER A 16 -12.42 7.84 13.67
C SER A 16 -12.58 6.40 12.99
C SER A 16 -12.79 6.53 12.97
N LEU A 17 -12.44 6.44 11.67
CA LEU A 17 -12.68 5.25 10.87
C LEU A 17 -11.45 4.33 10.68
N VAL A 18 -10.29 4.81 11.25
CA VAL A 18 -9.04 4.08 11.04
C VAL A 18 -8.92 3.04 12.18
N LYS A 19 -9.80 2.07 12.11
CA LYS A 19 -9.99 1.06 13.16
C LYS A 19 -9.02 -0.09 13.01
N LYS A 20 -8.49 -0.56 14.16
CA LYS A 20 -7.60 -1.67 14.15
C LYS A 20 -8.31 -3.05 14.15
N PRO A 21 -7.65 -4.12 13.78
CA PRO A 21 -8.25 -5.46 13.81
C PRO A 21 -9.00 -5.81 15.07
N SER A 22 -8.41 -5.47 16.23
CA SER A 22 -9.02 -5.78 17.54
C SER A 22 -10.47 -5.25 17.68
N VAL A 23 -10.72 -4.10 16.99
CA VAL A 23 -12.05 -3.47 16.97
C VAL A 23 -12.90 -3.86 15.76
N ALA A 24 -12.29 -3.89 14.57
CA ALA A 24 -13.01 -4.09 13.34
C ALA A 24 -13.25 -5.53 12.93
N GLY A 25 -12.37 -6.43 13.33
CA GLY A 25 -12.52 -7.82 12.93
C GLY A 25 -12.38 -8.00 11.43
N ARG A 26 -13.19 -8.99 10.96
CA ARG A 26 -13.11 -9.38 9.58
C ARG A 26 -13.71 -8.34 8.64
N LEU A 27 -12.96 -8.00 7.63
CA LEU A 27 -13.40 -6.96 6.68
C LEU A 27 -14.26 -7.59 5.58
N GLN A 28 -15.04 -6.72 4.97
CA GLN A 28 -15.99 -7.00 3.87
C GLN A 28 -16.16 -5.81 2.96
N ILE A 29 -16.80 -6.05 1.83
CA ILE A 29 -17.12 -4.91 0.94
C ILE A 29 -18.65 -4.75 1.01
N ILE A 30 -19.09 -3.50 1.22
CA ILE A 30 -20.52 -3.20 1.24
C ILE A 30 -20.85 -2.18 0.14
N LYS A 31 -22.11 -2.18 -0.27
CA LYS A 31 -22.63 -1.23 -1.25
C LYS A 31 -23.26 -0.13 -0.38
N GLN A 32 -22.86 1.10 -0.64
CA GLN A 32 -23.41 2.32 0.14
C GLN A 32 -23.52 3.51 -0.83
N ASN A 33 -24.74 4.01 -1.04
CA ASN A 33 -25.01 5.09 -1.96
C ASN A 33 -24.29 4.99 -3.31
N GLY A 34 -24.37 3.86 -4.01
CA GLY A 34 -23.69 3.68 -5.27
C GLY A 34 -22.16 3.30 -5.29
N ARG A 35 -21.58 3.27 -4.15
CA ARG A 35 -20.16 2.94 -3.99
C ARG A 35 -20.02 1.57 -3.36
N ARG A 36 -18.93 0.88 -3.69
CA ARG A 36 -18.60 -0.39 -3.00
C ARG A 36 -17.31 -0.02 -2.19
N ILE A 37 -17.47 -0.08 -0.88
CA ILE A 37 -16.47 0.32 0.08
C ILE A 37 -16.12 -0.70 1.13
N LEU A 38 -14.90 -0.62 1.67
CA LEU A 38 -14.47 -1.54 2.73
C LEU A 38 -15.23 -1.17 3.97
N ALA A 39 -15.62 -2.24 4.72
CA ALA A 39 -16.32 -2.11 6.01
C ALA A 39 -15.81 -3.23 6.94
N ASP A 40 -16.12 -2.94 8.23
CA ASP A 40 -15.77 -3.86 9.28
C ASP A 40 -16.77 -4.96 9.50
N GLN A 41 -16.57 -5.79 10.54
CA GLN A 41 -17.39 -6.95 10.79
C GLN A 41 -18.84 -6.63 11.02
N ASN A 42 -19.07 -5.44 11.51
CA ASN A 42 -20.44 -4.97 11.79
C ASN A 42 -21.07 -4.19 10.63
N GLY A 43 -20.39 -4.10 9.47
CA GLY A 43 -20.92 -3.36 8.38
C GLY A 43 -20.71 -1.89 8.40
N GLU A 44 -19.87 -1.40 9.30
CA GLU A 44 -19.56 0.05 9.41
C GLU A 44 -18.31 0.35 8.54
N PRO A 45 -18.37 1.42 7.73
CA PRO A 45 -17.22 1.83 6.93
C PRO A 45 -15.93 1.86 7.73
N ILE A 46 -14.83 1.44 7.09
CA ILE A 46 -13.52 1.54 7.67
C ILE A 46 -12.59 2.16 6.64
N GLN A 47 -11.54 2.80 7.12
CA GLN A 47 -10.45 3.24 6.26
C GLN A 47 -9.12 2.66 6.80
N LEU A 48 -8.38 2.00 5.96
CA LEU A 48 -7.02 1.61 6.30
C LEU A 48 -6.09 2.77 5.84
N ARG A 49 -5.16 3.10 6.77
CA ARG A 49 -4.10 4.03 6.50
C ARG A 49 -2.80 3.46 7.04
N GLY A 50 -1.76 3.45 6.23
CA GLY A 50 -0.51 2.90 6.71
C GLY A 50 0.63 3.02 5.73
N MET A 51 1.63 2.19 5.94
CA MET A 51 2.90 2.31 5.26
C MET A 51 3.29 1.02 4.55
N SER A 52 4.04 1.11 3.45
CA SER A 52 4.65 -0.01 2.77
C SER A 52 6.09 -0.06 3.13
N THR A 53 6.58 -1.31 3.29
CA THR A 53 8.00 -1.47 3.19
C THR A 53 8.53 -1.12 1.78
N HIS A 54 9.83 -0.88 1.69
CA HIS A 54 10.45 -0.93 0.40
C HIS A 54 10.73 -2.39 0.09
N GLY A 55 11.51 -2.71 -0.95
CA GLY A 55 11.74 -4.13 -1.23
C GLY A 55 12.45 -4.81 -0.07
N LEU A 56 11.90 -5.98 0.30
CA LEU A 56 12.46 -6.64 1.47
C LEU A 56 13.83 -7.34 1.21
N GLN A 57 14.23 -7.41 -0.07
CA GLN A 57 15.54 -7.86 -0.37
C GLN A 57 16.61 -6.80 -0.09
N TRP A 58 16.14 -5.54 -0.02
CA TRP A 58 17.06 -4.41 0.14
C TRP A 58 17.01 -3.73 1.55
N PHE A 59 15.76 -3.62 2.06
CA PHE A 59 15.56 -2.94 3.34
C PHE A 59 14.78 -3.78 4.33
N PRO A 60 15.23 -5.00 4.65
CA PRO A 60 14.56 -5.82 5.62
C PRO A 60 14.62 -5.36 7.08
N GLN A 61 15.49 -4.37 7.34
CA GLN A 61 15.72 -3.99 8.70
C GLN A 61 14.50 -3.44 9.42
N ILE A 62 13.54 -2.97 8.61
CA ILE A 62 12.30 -2.48 9.22
C ILE A 62 11.48 -3.58 9.88
N ILE A 63 11.74 -4.84 9.56
CA ILE A 63 10.97 -5.98 10.14
C ILE A 63 11.57 -6.28 11.52
N ASN A 64 11.04 -5.46 12.47
CA ASN A 64 11.39 -5.61 13.89
C ASN A 64 10.20 -5.12 14.70
N ASN A 65 10.04 -5.74 15.87
CA ASN A 65 8.86 -5.48 16.61
C ASN A 65 8.69 -4.03 17.06
N ASN A 66 9.80 -3.42 17.52
CA ASN A 66 9.70 -2.01 17.98
C ASN A 66 9.27 -1.05 16.86
N ALA A 67 9.76 -1.27 15.65
CA ALA A 67 9.32 -0.43 14.54
C ALA A 67 7.83 -0.66 14.27
N PHE A 68 7.38 -1.90 14.28
CA PHE A 68 5.99 -2.17 13.97
C PHE A 68 5.08 -1.54 15.07
N ALA A 69 5.52 -1.62 16.33
CA ALA A 69 4.78 -1.01 17.43
C ALA A 69 4.75 0.53 17.27
N ALA A 70 5.86 1.13 16.89
CA ALA A 70 5.83 2.55 16.63
C ALA A 70 4.84 2.94 15.52
N LEU A 71 4.84 2.17 14.46
CA LEU A 71 3.94 2.46 13.37
C LEU A 71 2.48 2.35 13.81
N ALA A 72 2.19 1.28 14.55
CA ALA A 72 0.83 1.07 14.99
C ALA A 72 0.33 2.09 16.02
N ASN A 73 1.22 2.43 16.93
CA ASN A 73 0.84 3.18 18.11
C ASN A 73 1.16 4.65 18.08
N ASP A 74 2.40 4.98 17.67
CA ASP A 74 2.76 6.37 17.53
C ASP A 74 2.25 6.95 16.21
N TRP A 75 2.33 6.21 15.12
CA TRP A 75 1.84 6.80 13.86
C TRP A 75 0.35 6.52 13.63
N GLY A 76 -0.21 5.59 14.38
CA GLY A 76 -1.62 5.29 14.21
C GLY A 76 -1.98 4.44 12.99
N CYS A 77 -1.06 3.71 12.45
CA CYS A 77 -1.39 2.84 11.32
C CYS A 77 -2.26 1.69 11.79
N ASN A 78 -3.21 1.34 10.86
CA ASN A 78 -3.94 0.08 11.01
C ASN A 78 -3.62 -0.89 9.90
N VAL A 79 -2.63 -0.63 9.06
CA VAL A 79 -2.18 -1.58 8.02
C VAL A 79 -0.66 -1.38 7.81
N ILE A 80 -0.01 -2.46 7.32
N ILE A 80 0.07 -2.48 7.59
CA ILE A 80 1.35 -2.35 6.85
CA ILE A 80 1.39 -2.44 6.96
C ILE A 80 1.35 -3.27 5.63
C ILE A 80 1.36 -3.27 5.67
N ARG A 81 2.11 -2.82 4.62
CA ARG A 81 2.30 -3.61 3.39
C ARG A 81 3.70 -4.12 3.28
N LEU A 82 3.82 -5.41 2.96
CA LEU A 82 5.12 -6.10 2.89
C LEU A 82 5.38 -6.33 1.37
N ALA A 83 6.32 -5.53 0.84
CA ALA A 83 6.63 -5.55 -0.60
C ALA A 83 7.70 -6.55 -0.95
N MET A 84 7.29 -7.72 -1.47
CA MET A 84 8.23 -8.78 -1.81
C MET A 84 8.50 -8.73 -3.31
N TYR A 85 9.61 -8.06 -3.71
CA TYR A 85 10.10 -8.22 -5.08
C TYR A 85 10.39 -9.65 -5.38
N ILE A 86 10.29 -9.94 -6.66
CA ILE A 86 10.60 -11.27 -7.24
C ILE A 86 11.87 -11.24 -8.08
N GLY A 87 11.83 -10.33 -9.07
CA GLY A 87 13.04 -10.00 -9.76
C GLY A 87 13.90 -9.04 -8.93
N GLU A 88 14.98 -8.56 -9.56
CA GLU A 88 15.80 -7.53 -8.91
C GLU A 88 16.37 -7.98 -7.57
N GLY A 89 16.80 -9.23 -7.52
CA GLY A 89 17.38 -9.78 -6.29
C GLY A 89 16.45 -10.26 -5.26
N GLY A 90 15.21 -10.29 -5.65
CA GLY A 90 14.12 -10.75 -4.78
C GLY A 90 13.93 -12.27 -4.79
N TYR A 91 12.67 -12.62 -4.56
CA TYR A 91 12.34 -14.04 -4.28
C TYR A 91 12.82 -15.03 -5.34
N ALA A 92 12.82 -14.64 -6.62
CA ALA A 92 13.29 -15.60 -7.63
C ALA A 92 14.70 -16.04 -7.44
N THR A 93 15.53 -15.16 -6.95
CA THR A 93 16.92 -15.54 -6.77
C THR A 93 17.36 -15.73 -5.35
N ASN A 94 16.58 -15.20 -4.38
CA ASN A 94 16.92 -15.19 -2.91
C ASN A 94 15.54 -15.50 -2.20
N PRO A 95 15.13 -16.79 -2.20
CA PRO A 95 13.82 -17.11 -1.67
C PRO A 95 13.72 -16.89 -0.17
N GLN A 96 14.84 -16.73 0.53
CA GLN A 96 14.81 -16.42 1.95
C GLN A 96 14.07 -15.11 2.31
N VAL A 97 13.80 -14.24 1.32
N VAL A 97 13.93 -14.18 1.35
CA VAL A 97 12.95 -13.11 1.63
CA VAL A 97 13.07 -13.02 1.58
C VAL A 97 11.57 -13.45 2.04
C VAL A 97 11.65 -13.44 2.04
N LYS A 98 11.14 -14.62 1.62
CA LYS A 98 9.85 -15.12 2.18
C LYS A 98 9.83 -15.21 3.68
N ASP A 99 10.97 -15.55 4.29
CA ASP A 99 11.04 -15.65 5.70
C ASP A 99 10.74 -14.29 6.34
N LYS A 100 11.21 -13.19 5.67
CA LYS A 100 10.98 -11.83 6.20
C LYS A 100 9.46 -11.44 6.04
N VAL A 101 8.79 -11.92 4.98
CA VAL A 101 7.40 -11.66 4.80
C VAL A 101 6.67 -12.39 5.98
N ILE A 102 7.00 -13.66 6.22
CA ILE A 102 6.33 -14.36 7.27
C ILE A 102 6.48 -13.66 8.65
N GLU A 103 7.73 -13.28 8.91
N GLU A 103 7.73 -13.26 8.94
CA GLU A 103 8.02 -12.53 10.12
CA GLU A 103 8.01 -12.49 10.17
C GLU A 103 7.19 -11.25 10.20
C GLU A 103 7.18 -11.24 10.24
N GLY A 104 7.11 -10.51 9.11
CA GLY A 104 6.33 -9.30 9.04
C GLY A 104 4.86 -9.52 9.27
N ILE A 105 4.30 -10.61 8.75
CA ILE A 105 2.89 -10.89 9.00
C ILE A 105 2.66 -11.07 10.52
N LYS A 106 3.56 -11.84 11.14
CA LYS A 106 3.44 -12.14 12.55
C LYS A 106 3.61 -10.83 13.38
N LEU A 107 4.52 -9.96 12.99
CA LEU A 107 4.67 -8.72 13.74
C LEU A 107 3.51 -7.75 13.50
N ALA A 108 2.88 -7.75 12.34
CA ALA A 108 1.68 -6.94 12.17
C ALA A 108 0.57 -7.45 13.07
N ILE A 109 0.34 -8.76 13.08
CA ILE A 109 -0.68 -9.27 13.92
C ILE A 109 -0.40 -8.92 15.38
N GLN A 110 0.82 -9.13 15.84
CA GLN A 110 1.19 -8.93 17.21
C GLN A 110 1.00 -7.47 17.65
N ASN A 111 1.06 -6.55 16.68
CA ASN A 111 0.88 -5.14 16.96
C ASN A 111 -0.48 -4.56 16.48
N ASP A 112 -1.44 -5.46 16.26
CA ASP A 112 -2.81 -5.05 15.96
C ASP A 112 -2.94 -4.17 14.70
N MET A 113 -2.42 -4.70 13.60
CA MET A 113 -2.57 -4.12 12.31
C MET A 113 -3.00 -5.20 11.32
N TYR A 114 -3.77 -4.75 10.30
CA TYR A 114 -3.93 -5.55 9.11
C TYR A 114 -2.58 -5.57 8.35
N VAL A 115 -2.44 -6.55 7.45
CA VAL A 115 -1.19 -6.68 6.71
C VAL A 115 -1.47 -7.08 5.28
N ILE A 116 -0.87 -6.31 4.39
CA ILE A 116 -0.95 -6.62 2.94
C ILE A 116 0.29 -7.39 2.49
N VAL A 117 0.06 -8.62 1.92
CA VAL A 117 1.12 -9.43 1.41
C VAL A 117 1.21 -9.20 -0.10
N ASP A 118 2.23 -8.43 -0.54
CA ASP A 118 2.34 -7.93 -1.88
C ASP A 118 3.43 -8.71 -2.72
N TRP A 119 2.91 -9.47 -3.69
CA TRP A 119 3.75 -10.12 -4.70
C TRP A 119 4.08 -8.98 -5.69
N HIS A 120 5.29 -8.47 -5.55
CA HIS A 120 5.60 -7.13 -6.13
C HIS A 120 6.12 -7.18 -7.60
N VAL A 121 5.17 -7.53 -8.47
CA VAL A 121 5.41 -7.46 -9.92
C VAL A 121 5.79 -6.05 -10.32
N LEU A 122 6.88 -5.93 -11.07
CA LEU A 122 7.28 -4.59 -11.52
C LEU A 122 8.17 -4.70 -12.75
N ASN A 123 9.30 -5.42 -12.67
CA ASN A 123 10.21 -5.60 -13.81
C ASN A 123 10.41 -7.11 -13.93
N PRO A 124 9.83 -7.78 -14.93
CA PRO A 124 9.05 -7.21 -16.08
C PRO A 124 7.56 -6.99 -15.67
N GLY A 125 6.80 -6.49 -16.65
CA GLY A 125 5.51 -6.01 -16.35
C GLY A 125 4.35 -7.02 -16.46
N ASP A 126 4.52 -8.18 -17.06
CA ASP A 126 3.43 -9.16 -17.21
C ASP A 126 3.55 -10.10 -16.03
N PRO A 127 2.49 -10.13 -15.22
CA PRO A 127 2.47 -11.10 -14.08
C PRO A 127 2.54 -12.57 -14.48
N ASN A 128 2.25 -12.86 -15.77
CA ASN A 128 2.36 -14.19 -16.30
C ASN A 128 3.78 -14.59 -16.75
N ALA A 129 4.71 -13.60 -16.68
CA ALA A 129 6.07 -13.91 -17.13
C ALA A 129 6.69 -15.07 -16.34
N GLU A 130 7.64 -15.76 -16.99
CA GLU A 130 8.33 -16.92 -16.39
C GLU A 130 8.92 -16.63 -15.03
N ILE A 131 9.62 -15.50 -14.83
N ILE A 131 9.45 -15.41 -14.89
CA ILE A 131 10.26 -15.24 -13.50
CA ILE A 131 10.16 -15.09 -13.64
C ILE A 131 9.20 -15.27 -12.37
C ILE A 131 9.21 -15.15 -12.44
N TYR A 132 7.93 -14.95 -12.70
CA TYR A 132 6.91 -14.93 -11.69
C TYR A 132 6.17 -16.23 -11.49
N LYS A 133 6.70 -17.35 -12.04
CA LYS A 133 6.02 -18.66 -12.00
C LYS A 133 5.73 -19.19 -10.63
N GLY A 134 6.48 -18.70 -9.61
CA GLY A 134 6.19 -19.13 -8.29
C GLY A 134 5.04 -18.51 -7.52
N ALA A 135 4.32 -17.62 -8.22
CA ALA A 135 3.34 -16.81 -7.53
C ALA A 135 2.23 -17.66 -6.85
N LYS A 136 1.66 -18.63 -7.58
CA LYS A 136 0.55 -19.40 -7.01
C LYS A 136 1.02 -20.23 -5.80
N ASP A 137 2.18 -20.81 -5.88
N ASP A 137 2.20 -20.86 -5.92
CA ASP A 137 2.62 -21.60 -4.77
CA ASP A 137 2.89 -21.61 -4.82
C ASP A 137 2.99 -20.70 -3.57
C ASP A 137 3.06 -20.74 -3.59
N PHE A 138 3.48 -19.48 -3.84
CA PHE A 138 3.79 -18.56 -2.76
C PHE A 138 2.51 -18.22 -1.96
N PHE A 139 1.44 -17.84 -2.70
CA PHE A 139 0.22 -17.54 -1.98
C PHE A 139 -0.38 -18.75 -1.27
N LYS A 140 -0.26 -19.91 -1.90
CA LYS A 140 -0.64 -21.19 -1.27
C LYS A 140 0.07 -21.30 0.09
N GLU A 141 1.39 -21.13 0.10
N GLU A 141 1.39 -21.14 0.09
CA GLU A 141 2.17 -21.33 1.33
CA GLU A 141 2.19 -21.32 1.30
C GLU A 141 1.86 -20.31 2.42
C GLU A 141 1.76 -20.33 2.41
N ILE A 142 1.54 -19.05 2.04
CA ILE A 142 1.17 -18.09 3.05
C ILE A 142 -0.22 -18.50 3.60
N ALA A 143 -1.13 -18.88 2.75
CA ALA A 143 -2.41 -19.30 3.22
C ALA A 143 -2.39 -20.61 4.05
N GLN A 144 -1.42 -21.52 3.79
CA GLN A 144 -1.30 -22.68 4.65
C GLN A 144 -0.81 -22.27 6.00
N LYS A 145 0.07 -21.30 6.11
CA LYS A 145 0.63 -20.87 7.36
C LYS A 145 -0.32 -20.03 8.19
N PHE A 146 -1.17 -19.28 7.48
CA PHE A 146 -2.08 -18.34 8.14
C PHE A 146 -3.52 -18.53 7.60
N PRO A 147 -4.15 -19.65 7.87
CA PRO A 147 -5.40 -20.05 7.15
C PRO A 147 -6.59 -19.17 7.52
N ASN A 148 -7.14 -18.57 6.46
CA ASN A 148 -8.24 -17.67 6.61
C ASN A 148 -8.04 -16.59 7.67
N ASP A 149 -6.81 -16.07 7.78
CA ASP A 149 -6.52 -15.15 8.87
C ASP A 149 -7.11 -13.80 8.54
N PHE A 150 -7.94 -13.29 9.44
CA PHE A 150 -8.63 -12.03 9.14
C PHE A 150 -7.75 -10.80 9.06
N HIS A 151 -6.48 -10.92 9.54
CA HIS A 151 -5.59 -9.79 9.40
C HIS A 151 -5.01 -9.57 8.02
N ILE A 152 -5.01 -10.66 7.20
CA ILE A 152 -4.23 -10.63 5.93
C ILE A 152 -5.09 -10.22 4.77
N ILE A 153 -4.50 -9.32 3.98
CA ILE A 153 -5.00 -8.92 2.65
C ILE A 153 -3.94 -9.36 1.62
N TYR A 154 -4.38 -10.03 0.57
CA TYR A 154 -3.46 -10.47 -0.48
C TYR A 154 -3.46 -9.50 -1.64
N GLU A 155 -2.27 -9.13 -2.10
CA GLU A 155 -2.10 -8.26 -3.28
C GLU A 155 -1.29 -9.06 -4.29
N LEU A 156 -2.03 -9.55 -5.34
CA LEU A 156 -1.47 -10.59 -6.22
C LEU A 156 -0.44 -10.09 -7.23
N CYS A 157 -0.48 -8.81 -7.56
CA CYS A 157 0.41 -8.34 -8.59
C CYS A 157 0.53 -6.81 -8.48
N ASN A 158 1.50 -6.34 -7.77
CA ASN A 158 1.69 -4.88 -7.55
C ASN A 158 1.31 -4.01 -8.77
N GLU A 159 2.11 -4.09 -9.84
CA GLU A 159 2.02 -3.15 -10.97
C GLU A 159 2.21 -3.87 -12.30
N PRO A 160 1.17 -4.49 -12.82
CA PRO A 160 1.20 -4.87 -14.25
C PRO A 160 1.54 -3.65 -15.06
N ASN A 161 2.36 -3.80 -16.10
CA ASN A 161 2.85 -2.65 -16.84
C ASN A 161 3.53 -3.15 -18.11
N PRO A 162 3.97 -2.19 -18.96
CA PRO A 162 4.38 -2.59 -20.31
C PRO A 162 5.91 -3.00 -20.38
N THR A 163 6.61 -2.98 -19.26
CA THR A 163 8.02 -3.35 -19.31
C THR A 163 8.17 -4.78 -19.82
N ASP A 164 8.99 -4.92 -20.87
N ASP A 164 8.94 -4.89 -20.90
CA ASP A 164 8.98 -6.18 -21.65
CA ASP A 164 9.02 -6.15 -21.67
C ASP A 164 9.61 -7.32 -20.84
C ASP A 164 9.58 -7.30 -20.80
N PRO A 165 8.98 -8.50 -20.80
CA PRO A 165 7.63 -8.86 -21.30
C PRO A 165 6.57 -8.30 -20.36
N GLY A 166 5.67 -7.57 -21.00
CA GLY A 166 4.67 -6.74 -20.34
C GLY A 166 3.26 -6.93 -20.85
N VAL A 167 2.40 -6.14 -20.22
CA VAL A 167 1.01 -6.01 -20.65
C VAL A 167 0.77 -4.65 -21.27
N THR A 168 -0.22 -4.63 -22.19
CA THR A 168 -0.60 -3.44 -22.85
C THR A 168 -1.67 -2.65 -22.05
N ASN A 169 -1.73 -1.36 -22.32
CA ASN A 169 -2.65 -0.45 -21.60
C ASN A 169 -4.01 -0.41 -22.31
N ASP A 170 -4.68 -1.58 -22.31
CA ASP A 170 -5.92 -1.80 -23.09
C ASP A 170 -6.57 -3.07 -22.54
N GLU A 171 -7.62 -3.43 -23.28
N GLU A 171 -7.79 -3.37 -23.06
CA GLU A 171 -8.54 -4.47 -22.82
CA GLU A 171 -8.52 -4.65 -22.65
C GLU A 171 -7.75 -5.79 -22.88
C GLU A 171 -7.65 -5.87 -22.80
N ALA A 172 -6.86 -5.98 -23.88
CA ALA A 172 -6.03 -7.18 -23.99
C ALA A 172 -5.06 -7.34 -22.84
N GLY A 173 -4.52 -6.24 -22.37
CA GLY A 173 -3.67 -6.24 -21.20
C GLY A 173 -4.37 -6.60 -19.93
N TRP A 174 -5.55 -6.02 -19.80
CA TRP A 174 -6.43 -6.37 -18.65
C TRP A 174 -6.79 -7.84 -18.64
N LYS A 175 -7.10 -8.38 -19.81
CA LYS A 175 -7.36 -9.85 -19.88
C LYS A 175 -6.19 -10.66 -19.40
N LYS A 176 -4.92 -10.27 -19.65
CA LYS A 176 -3.79 -11.01 -19.13
C LYS A 176 -3.73 -10.96 -17.62
N VAL A 177 -4.06 -9.81 -17.06
CA VAL A 177 -4.13 -9.68 -15.61
C VAL A 177 -5.19 -10.64 -14.98
N LYS A 178 -6.40 -10.60 -15.59
CA LYS A 178 -7.41 -11.52 -15.10
C LYS A 178 -6.99 -12.97 -15.25
N ALA A 179 -6.39 -13.32 -16.38
CA ALA A 179 -5.98 -14.71 -16.58
C ALA A 179 -4.95 -15.19 -15.56
N TYR A 180 -4.11 -14.24 -15.13
CA TYR A 180 -3.20 -14.47 -14.04
C TYR A 180 -3.84 -14.68 -12.70
N ALA A 181 -4.73 -13.74 -12.42
CA ALA A 181 -5.23 -13.60 -11.03
C ALA A 181 -6.32 -14.64 -10.72
N GLU A 182 -7.18 -14.93 -11.71
CA GLU A 182 -8.35 -15.76 -11.40
C GLU A 182 -7.98 -17.16 -10.82
N PRO A 183 -6.98 -17.83 -11.41
CA PRO A 183 -6.66 -19.17 -10.80
C PRO A 183 -6.13 -19.13 -9.38
N ILE A 184 -5.40 -18.05 -9.04
CA ILE A 184 -4.91 -17.88 -7.67
C ILE A 184 -6.05 -17.60 -6.72
N ILE A 185 -6.95 -16.71 -7.16
CA ILE A 185 -8.14 -16.39 -6.34
C ILE A 185 -8.96 -17.69 -6.10
N LYS A 186 -9.19 -18.45 -7.17
CA LYS A 186 -9.97 -19.65 -7.09
C LYS A 186 -9.34 -20.60 -6.07
N MET A 187 -8.02 -20.82 -6.17
CA MET A 187 -7.33 -21.69 -5.25
C MET A 187 -7.50 -21.23 -3.80
N LEU A 188 -7.32 -19.94 -3.57
CA LEU A 188 -7.42 -19.41 -2.22
C LEU A 188 -8.84 -19.64 -1.65
N ARG A 189 -9.86 -19.35 -2.46
CA ARG A 189 -11.25 -19.52 -2.02
C ARG A 189 -11.58 -21.03 -1.75
N GLN A 190 -11.10 -21.91 -2.63
CA GLN A 190 -11.28 -23.36 -2.45
C GLN A 190 -10.66 -23.82 -1.11
N MET A 191 -9.53 -23.20 -0.72
CA MET A 191 -8.89 -23.50 0.50
C MET A 191 -9.55 -22.88 1.71
N GLY A 192 -10.65 -22.14 1.54
CA GLY A 192 -11.42 -21.54 2.63
C GLY A 192 -10.99 -20.15 3.04
N ASN A 193 -10.22 -19.46 2.19
CA ASN A 193 -9.77 -18.13 2.53
C ASN A 193 -10.74 -17.10 2.01
N GLU A 194 -11.22 -16.31 2.96
CA GLU A 194 -12.21 -15.24 2.73
C GLU A 194 -11.54 -13.81 2.71
N ASN A 195 -10.24 -13.79 2.58
CA ASN A 195 -9.51 -12.56 2.64
C ASN A 195 -9.91 -11.63 1.47
N ILE A 196 -9.80 -10.34 1.76
CA ILE A 196 -9.77 -9.33 0.69
C ILE A 196 -8.51 -9.58 -0.17
N ILE A 197 -8.77 -9.58 -1.50
CA ILE A 197 -7.70 -9.72 -2.51
C ILE A 197 -7.65 -8.51 -3.37
N ILE A 198 -6.51 -7.90 -3.54
CA ILE A 198 -6.36 -6.68 -4.32
C ILE A 198 -5.63 -6.95 -5.58
N ILE A 199 -6.22 -6.46 -6.70
CA ILE A 199 -5.77 -6.77 -8.06
C ILE A 199 -5.27 -5.51 -8.77
N GLY A 200 -4.05 -5.51 -9.26
CA GLY A 200 -3.54 -4.39 -10.06
C GLY A 200 -4.09 -4.40 -11.44
N SER A 201 -3.59 -3.45 -12.21
CA SER A 201 -4.10 -3.23 -13.60
C SER A 201 -3.00 -2.61 -14.41
N PRO A 202 -3.24 -2.53 -15.75
CA PRO A 202 -2.22 -2.04 -16.65
C PRO A 202 -1.71 -0.63 -16.37
N ASN A 203 -0.59 -0.31 -17.02
CA ASN A 203 0.00 1.03 -16.91
C ASN A 203 0.40 1.34 -15.44
N TRP A 204 1.00 0.30 -14.80
CA TRP A 204 1.43 0.51 -13.42
C TRP A 204 0.32 0.75 -12.44
N SER A 205 -0.71 -0.08 -12.56
CA SER A 205 -1.90 -0.04 -11.69
C SER A 205 -2.55 1.38 -11.71
N GLN A 206 -2.77 1.83 -12.92
CA GLN A 206 -3.42 3.10 -13.14
C GLN A 206 -4.80 2.92 -13.77
N ARG A 207 -5.32 1.69 -13.88
CA ARG A 207 -6.46 1.42 -14.68
C ARG A 207 -7.52 0.56 -13.96
N PRO A 208 -7.95 1.00 -12.76
CA PRO A 208 -9.05 0.27 -12.08
C PRO A 208 -10.38 0.36 -12.86
N ASP A 209 -10.47 1.28 -13.82
CA ASP A 209 -11.64 1.43 -14.60
C ASP A 209 -11.88 0.22 -15.51
N PHE A 210 -10.98 -0.68 -15.76
CA PHE A 210 -11.30 -1.90 -16.50
C PHE A 210 -12.32 -2.74 -15.74
N ALA A 211 -12.42 -2.60 -14.41
CA ALA A 211 -13.36 -3.35 -13.62
C ALA A 211 -14.78 -2.88 -13.67
N ILE A 212 -15.03 -1.75 -14.36
CA ILE A 212 -16.38 -1.31 -14.55
C ILE A 212 -17.19 -2.29 -15.46
N LYS A 213 -16.64 -2.55 -16.64
CA LYS A 213 -17.35 -3.44 -17.59
C LYS A 213 -16.82 -4.92 -17.46
N ASP A 214 -15.59 -5.11 -16.89
CA ASP A 214 -15.01 -6.46 -16.89
C ASP A 214 -14.36 -6.81 -15.56
N PRO A 215 -15.18 -6.76 -14.50
CA PRO A 215 -14.65 -7.15 -13.21
C PRO A 215 -14.37 -8.66 -13.07
N ILE A 216 -13.52 -8.96 -12.07
CA ILE A 216 -13.42 -10.33 -11.61
C ILE A 216 -14.63 -10.63 -10.77
N ALA A 217 -15.19 -11.84 -10.98
CA ALA A 217 -16.44 -12.24 -10.32
C ALA A 217 -16.18 -12.80 -8.89
N ASP A 218 -15.84 -11.89 -8.00
CA ASP A 218 -15.57 -12.30 -6.62
C ASP A 218 -15.90 -11.05 -5.78
N ASP A 219 -16.70 -11.28 -4.76
CA ASP A 219 -17.21 -10.17 -3.97
C ASP A 219 -16.28 -9.65 -2.88
N LYS A 220 -15.06 -10.19 -2.80
N LYS A 220 -15.05 -10.19 -2.85
CA LYS A 220 -14.08 -9.68 -1.86
CA LYS A 220 -14.02 -9.82 -1.89
C LYS A 220 -12.78 -9.26 -2.60
C LYS A 220 -12.75 -9.39 -2.65
N VAL A 221 -12.91 -8.93 -3.89
CA VAL A 221 -11.78 -8.40 -4.70
C VAL A 221 -11.96 -6.86 -4.73
N MET A 222 -10.79 -6.19 -4.54
CA MET A 222 -10.72 -4.80 -4.82
C MET A 222 -9.61 -4.57 -5.85
N TYR A 223 -9.59 -3.32 -6.36
CA TYR A 223 -8.69 -2.96 -7.47
C TYR A 223 -7.73 -1.86 -7.00
N SER A 224 -6.44 -1.99 -7.18
CA SER A 224 -5.50 -1.02 -6.75
C SER A 224 -5.44 0.17 -7.75
N VAL A 225 -5.03 1.28 -7.12
N VAL A 225 -5.03 1.29 -7.15
CA VAL A 225 -4.58 2.52 -7.85
CA VAL A 225 -4.50 2.40 -7.99
C VAL A 225 -3.27 2.92 -7.19
C VAL A 225 -3.32 3.03 -7.24
N HIS A 226 -2.27 3.29 -8.02
CA HIS A 226 -1.01 3.79 -7.49
C HIS A 226 -0.74 5.18 -8.13
N PHE A 227 -0.31 6.12 -7.26
CA PHE A 227 0.03 7.44 -7.75
C PHE A 227 1.19 8.04 -6.95
N TYR A 228 1.86 8.98 -7.61
CA TYR A 228 3.00 9.65 -6.97
C TYR A 228 2.80 11.14 -7.30
N THR A 229 2.69 11.95 -6.21
CA THR A 229 2.18 13.31 -6.34
C THR A 229 3.04 14.34 -7.03
N GLY A 230 4.31 13.98 -7.28
CA GLY A 230 5.11 14.78 -8.20
C GLY A 230 4.90 14.55 -9.67
N THR A 231 4.20 13.46 -9.97
CA THR A 231 3.90 13.04 -11.35
C THR A 231 2.41 13.17 -11.64
N HIS A 232 1.63 12.61 -10.74
CA HIS A 232 0.19 12.41 -10.93
C HIS A 232 -0.58 13.41 -10.10
N LYS A 233 -1.41 14.22 -10.76
CA LYS A 233 -2.08 15.34 -10.12
C LYS A 233 -3.56 15.02 -10.07
N VAL A 234 -4.19 15.66 -9.06
CA VAL A 234 -5.65 15.63 -9.04
C VAL A 234 -6.17 16.28 -10.31
N ASP A 235 -7.22 15.67 -10.88
CA ASP A 235 -7.77 15.95 -12.20
C ASP A 235 -6.92 15.53 -13.42
N GLY A 236 -5.86 14.82 -13.13
CA GLY A 236 -5.05 14.18 -14.19
C GLY A 236 -5.48 12.78 -14.56
N TYR A 237 -4.69 12.15 -15.44
CA TYR A 237 -5.02 10.85 -16.02
C TYR A 237 -5.37 9.81 -14.89
N VAL A 238 -4.43 9.59 -13.96
CA VAL A 238 -4.59 8.52 -12.99
C VAL A 238 -5.78 8.82 -12.11
N PHE A 239 -5.86 10.06 -11.65
CA PHE A 239 -6.94 10.50 -10.78
C PHE A 239 -8.31 10.26 -11.42
N GLU A 240 -8.41 10.65 -12.69
N GLU A 240 -8.35 10.59 -12.71
CA GLU A 240 -9.72 10.51 -13.38
CA GLU A 240 -9.60 10.42 -13.46
C GLU A 240 -10.07 9.01 -13.66
C GLU A 240 -10.06 9.01 -13.62
N ASN A 241 -9.07 8.15 -13.86
CA ASN A 241 -9.38 6.73 -14.00
C ASN A 241 -9.89 6.19 -12.67
N MET A 242 -9.26 6.58 -11.57
CA MET A 242 -9.71 6.22 -10.25
C MET A 242 -11.10 6.70 -9.95
N LYS A 243 -11.32 7.95 -10.22
CA LYS A 243 -12.63 8.58 -9.95
C LYS A 243 -13.76 7.90 -10.80
N MET A 244 -13.46 7.61 -12.07
N MET A 244 -13.43 7.61 -12.02
CA MET A 244 -14.41 6.89 -12.94
CA MET A 244 -14.41 7.01 -12.89
C MET A 244 -14.82 5.61 -12.21
C MET A 244 -14.80 5.58 -12.33
N ALA A 245 -13.79 4.84 -11.88
CA ALA A 245 -14.02 3.51 -11.29
C ALA A 245 -14.86 3.64 -10.00
N ILE A 246 -14.43 4.51 -9.08
CA ILE A 246 -15.14 4.68 -7.81
C ILE A 246 -16.61 5.04 -8.03
N GLU A 247 -16.82 6.07 -8.84
N GLU A 247 -16.85 5.97 -8.95
CA GLU A 247 -18.18 6.49 -9.15
CA GLU A 247 -18.20 6.48 -9.09
C GLU A 247 -19.10 5.38 -9.66
C GLU A 247 -19.13 5.48 -9.81
N ALA A 248 -18.52 4.53 -10.51
CA ALA A 248 -19.25 3.41 -11.14
C ALA A 248 -19.45 2.19 -10.29
N GLY A 249 -19.01 2.31 -9.00
CA GLY A 249 -19.14 1.22 -8.04
C GLY A 249 -18.03 0.19 -7.95
N VAL A 250 -16.85 0.50 -8.51
CA VAL A 250 -15.76 -0.39 -8.35
C VAL A 250 -15.13 -0.19 -6.98
N PRO A 251 -14.81 -1.26 -6.25
CA PRO A 251 -14.08 -1.12 -4.91
C PRO A 251 -12.60 -0.88 -5.23
N VAL A 252 -12.07 0.21 -4.72
CA VAL A 252 -10.69 0.68 -5.04
C VAL A 252 -9.89 0.81 -3.73
N PHE A 253 -8.61 0.44 -3.76
CA PHE A 253 -7.73 0.51 -2.59
C PHE A 253 -6.39 1.02 -3.11
N VAL A 254 -5.88 2.13 -2.51
CA VAL A 254 -4.57 2.68 -2.88
C VAL A 254 -3.52 1.88 -2.07
N THR A 255 -2.99 0.82 -2.68
CA THR A 255 -1.97 0.02 -2.04
C THR A 255 -0.58 0.63 -2.06
N GLU A 256 -0.43 1.70 -2.86
CA GLU A 256 0.88 2.35 -2.91
C GLU A 256 0.72 3.78 -3.45
N TRP A 257 1.21 4.77 -2.70
CA TRP A 257 1.30 6.12 -3.23
C TRP A 257 2.51 6.79 -2.62
N GLY A 258 3.04 7.80 -3.30
CA GLY A 258 4.16 8.50 -2.70
C GLY A 258 4.04 10.01 -2.96
N THR A 259 4.85 10.74 -2.16
CA THR A 259 4.94 12.18 -2.22
C THR A 259 6.00 12.67 -3.19
N SER A 260 6.71 11.79 -3.84
CA SER A 260 7.76 12.13 -4.79
C SER A 260 7.21 12.03 -6.20
N GLU A 261 8.09 12.20 -7.23
CA GLU A 261 7.77 11.71 -8.56
C GLU A 261 7.63 10.17 -8.52
N ALA A 262 7.20 9.61 -9.64
CA ALA A 262 7.03 8.16 -9.72
C ALA A 262 8.36 7.37 -9.62
N SER A 263 9.45 8.05 -9.84
CA SER A 263 10.75 7.42 -9.59
C SER A 263 11.09 7.04 -8.17
N GLY A 264 10.30 7.63 -7.26
CA GLY A 264 10.53 7.55 -5.84
C GLY A 264 11.31 8.77 -5.27
N ASP A 265 11.72 9.69 -6.13
CA ASP A 265 12.51 10.83 -5.77
C ASP A 265 11.93 12.13 -6.30
N GLY A 266 12.46 13.22 -5.79
CA GLY A 266 12.04 14.54 -6.18
C GLY A 266 11.03 15.15 -5.19
N GLY A 267 11.07 16.46 -5.07
CA GLY A 267 10.13 17.15 -4.19
C GLY A 267 10.57 17.10 -2.72
N PRO A 268 9.69 16.63 -1.81
CA PRO A 268 8.31 16.12 -2.05
C PRO A 268 7.32 17.18 -2.41
N TYR A 269 6.16 16.68 -2.82
CA TYR A 269 5.03 17.44 -3.40
C TYR A 269 3.80 17.29 -2.48
N LEU A 270 3.83 18.09 -1.41
CA LEU A 270 2.92 17.97 -0.32
C LEU A 270 1.59 18.66 -0.53
N ASP A 271 1.65 19.80 -1.23
CA ASP A 271 0.39 20.47 -1.55
C ASP A 271 -0.51 19.54 -2.46
N GLU A 272 0.12 18.88 -3.41
CA GLU A 272 -0.63 17.93 -4.23
C GLU A 272 -1.11 16.72 -3.41
N ALA A 273 -0.26 16.25 -2.52
CA ALA A 273 -0.69 15.14 -1.64
C ALA A 273 -1.91 15.55 -0.80
N ASP A 274 -1.98 16.80 -0.33
CA ASP A 274 -3.15 17.24 0.44
C ASP A 274 -4.42 17.05 -0.43
N LYS A 275 -4.35 17.40 -1.72
CA LYS A 275 -5.53 17.30 -2.58
C LYS A 275 -5.94 15.81 -2.80
N TRP A 276 -4.98 14.95 -3.04
CA TRP A 276 -5.29 13.53 -3.20
C TRP A 276 -5.86 12.97 -1.90
N LEU A 277 -5.21 13.21 -0.78
CA LEU A 277 -5.65 12.57 0.46
C LEU A 277 -7.00 13.09 0.94
N GLU A 278 -7.30 14.37 0.64
CA GLU A 278 -8.63 14.89 0.94
C GLU A 278 -9.70 14.12 0.19
N TYR A 279 -9.43 13.82 -1.09
CA TYR A 279 -10.35 13.06 -1.89
C TYR A 279 -10.45 11.61 -1.37
N LEU A 280 -9.33 10.98 -1.12
CA LEU A 280 -9.39 9.58 -0.68
C LEU A 280 -10.13 9.47 0.63
N ASN A 281 -9.85 10.35 1.61
CA ASN A 281 -10.49 10.28 2.90
C ASN A 281 -11.98 10.56 2.80
N ALA A 282 -12.34 11.58 2.00
CA ALA A 282 -13.73 11.88 1.81
C ALA A 282 -14.58 10.75 1.16
N ASN A 283 -13.88 9.94 0.39
CA ASN A 283 -14.55 8.90 -0.38
C ASN A 283 -14.28 7.50 0.13
N ASN A 284 -13.72 7.43 1.33
N ASN A 284 -13.79 7.43 1.37
CA ASN A 284 -13.63 6.15 2.06
CA ASN A 284 -13.46 6.15 2.03
C ASN A 284 -12.64 5.17 1.31
C ASN A 284 -12.56 5.21 1.25
N ILE A 285 -11.56 5.75 0.75
N ILE A 285 -11.55 5.79 0.61
CA ILE A 285 -10.60 4.96 0.02
CA ILE A 285 -10.58 5.00 -0.08
C ILE A 285 -9.36 4.79 0.95
C ILE A 285 -9.36 4.79 0.87
N SER A 286 -9.02 3.52 1.18
CA SER A 286 -7.85 3.19 1.96
C SER A 286 -6.57 3.55 1.20
N TRP A 287 -5.50 3.80 1.97
CA TRP A 287 -4.25 4.18 1.37
C TRP A 287 -3.01 3.75 2.15
N VAL A 288 -1.94 3.51 1.39
CA VAL A 288 -0.68 3.01 1.97
C VAL A 288 0.41 3.78 1.24
N ASN A 289 1.30 4.39 2.06
CA ASN A 289 2.38 5.21 1.52
C ASN A 289 3.72 4.44 1.39
N TRP A 290 4.40 4.77 0.26
CA TRP A 290 5.73 4.26 -0.10
C TRP A 290 6.75 5.29 0.35
N SER A 291 7.74 5.01 1.20
CA SER A 291 7.98 3.70 1.81
C SER A 291 8.83 3.86 3.08
N LEU A 292 8.86 2.76 3.82
CA LEU A 292 9.64 2.64 5.05
C LEU A 292 11.14 2.35 4.83
N THR A 293 11.80 3.26 4.22
CA THR A 293 13.20 3.16 3.91
C THR A 293 13.97 4.40 4.38
N ASN A 294 15.26 4.19 4.56
CA ASN A 294 16.20 5.28 4.71
C ASN A 294 17.11 5.47 3.48
N LYS A 295 16.73 4.87 2.35
N LYS A 295 16.69 4.93 2.34
CA LYS A 295 17.41 5.20 1.12
CA LYS A 295 17.38 5.22 1.10
C LYS A 295 17.33 6.72 0.84
C LYS A 295 17.33 6.72 0.82
N ASN A 296 18.39 7.23 0.17
CA ASN A 296 18.38 8.63 -0.20
C ASN A 296 17.54 8.93 -1.46
N GLU A 297 16.24 9.03 -1.16
CA GLU A 297 15.21 9.35 -2.15
C GLU A 297 14.06 10.02 -1.36
N THR A 298 13.42 11.02 -1.95
CA THR A 298 12.43 11.80 -1.18
C THR A 298 11.26 11.01 -0.63
N SER A 299 10.82 9.94 -1.32
CA SER A 299 9.68 9.19 -0.82
C SER A 299 10.02 8.40 0.44
N GLY A 300 11.27 8.15 0.75
CA GLY A 300 11.54 7.41 1.95
C GLY A 300 11.12 8.20 3.19
N ALA A 301 10.60 7.43 4.16
CA ALA A 301 10.09 8.04 5.37
C ALA A 301 11.15 8.44 6.37
N PHE A 302 12.38 7.93 6.25
CA PHE A 302 13.38 8.12 7.26
C PHE A 302 14.60 8.85 6.65
N VAL A 303 15.23 9.64 7.53
CA VAL A 303 16.41 10.41 7.06
C VAL A 303 17.49 9.45 6.52
N PRO A 304 18.01 9.78 5.33
CA PRO A 304 19.04 8.94 4.78
C PRO A 304 20.51 9.29 5.16
N TYR A 305 21.39 8.35 4.91
CA TYR A 305 22.81 8.69 4.91
C TYR A 305 23.02 9.50 3.65
N ILE A 306 23.59 10.70 3.89
CA ILE A 306 24.11 11.57 2.85
C ILE A 306 25.45 12.13 3.27
N SER A 307 26.50 11.82 2.49
CA SER A 307 27.87 12.15 2.86
C SER A 307 27.96 13.66 3.06
N GLY A 308 28.49 14.10 4.22
CA GLY A 308 28.66 15.47 4.57
C GLY A 308 27.45 16.13 5.17
N VAL A 309 26.36 15.34 5.32
CA VAL A 309 25.09 15.95 5.67
C VAL A 309 24.45 15.22 6.83
N SER A 310 24.19 13.92 6.77
CA SER A 310 23.44 13.20 7.77
C SER A 310 23.82 11.71 7.79
N GLN A 311 23.89 11.15 9.03
N GLN A 311 23.70 11.19 9.00
CA GLN A 311 23.83 9.71 9.18
CA GLN A 311 23.72 9.79 9.22
C GLN A 311 22.36 9.24 8.93
C GLN A 311 22.30 9.24 8.91
N ALA A 312 22.22 7.97 8.49
CA ALA A 312 20.90 7.38 8.32
C ALA A 312 20.22 7.15 9.64
N THR A 313 18.90 7.39 9.61
CA THR A 313 18.07 6.86 10.69
C THR A 313 18.00 5.33 10.68
N ASP A 314 18.16 4.76 11.87
CA ASP A 314 18.07 3.32 11.95
C ASP A 314 16.63 2.86 11.83
N LEU A 315 16.40 1.85 10.98
CA LEU A 315 15.06 1.24 10.83
C LEU A 315 14.81 0.23 11.97
N ASP A 316 15.86 -0.27 12.59
CA ASP A 316 15.76 -1.15 13.75
C ASP A 316 15.72 -0.26 15.00
N LEU A 317 14.52 -0.23 15.54
CA LEU A 317 14.23 0.73 16.54
C LEU A 317 14.37 0.18 17.95
N GLY A 318 14.65 1.04 18.92
CA GLY A 318 14.72 0.68 20.28
C GLY A 318 13.36 0.61 21.03
N SER A 319 13.55 0.33 22.32
CA SER A 319 12.40 0.07 23.14
C SER A 319 11.45 1.29 23.44
N ASP A 320 11.88 2.48 23.04
N ASP A 320 11.87 2.54 23.15
CA ASP A 320 11.08 3.67 23.13
CA ASP A 320 10.95 3.69 23.25
C ASP A 320 9.89 3.61 22.13
C ASP A 320 9.78 3.53 22.22
N GLN A 321 10.04 2.86 21.12
CA GLN A 321 9.00 2.60 20.08
C GLN A 321 8.57 3.85 19.55
N LYS A 322 9.51 4.77 19.22
CA LYS A 322 9.14 5.93 18.48
C LYS A 322 10.55 6.44 17.91
N TRP A 323 10.34 6.93 16.65
CA TRP A 323 11.41 7.79 16.12
C TRP A 323 11.17 9.26 16.38
N ASP A 324 12.18 9.99 16.73
CA ASP A 324 12.07 11.46 16.85
C ASP A 324 11.64 12.02 15.47
N ILE A 325 10.90 13.12 15.48
CA ILE A 325 10.45 13.67 14.17
C ILE A 325 11.64 14.10 13.30
N SER A 326 12.70 14.59 13.95
CA SER A 326 13.90 14.97 13.23
C SER A 326 14.59 13.76 12.56
N GLU A 327 14.20 12.51 12.94
N GLU A 327 14.28 12.53 13.00
CA GLU A 327 14.70 11.30 12.32
CA GLU A 327 14.78 11.35 12.34
C GLU A 327 13.90 10.84 11.14
C GLU A 327 13.96 10.91 11.13
N LEU A 328 12.74 11.50 11.01
CA LEU A 328 11.88 11.27 9.87
C LEU A 328 12.21 12.22 8.78
N SER A 329 12.06 11.81 7.50
CA SER A 329 12.22 12.77 6.41
C SER A 329 11.02 13.68 6.39
N ILE A 330 11.11 14.71 5.49
CA ILE A 330 9.96 15.57 5.26
C ILE A 330 8.75 14.75 4.90
N SER A 331 8.89 13.79 3.98
CA SER A 331 7.80 12.93 3.61
C SER A 331 7.25 12.09 4.79
N GLY A 332 8.16 11.47 5.52
CA GLY A 332 7.71 10.63 6.64
C GLY A 332 6.99 11.41 7.70
N GLU A 333 7.46 12.63 7.99
CA GLU A 333 6.78 13.45 8.99
C GLU A 333 5.36 13.82 8.55
N TYR A 334 5.26 14.21 7.27
CA TYR A 334 3.96 14.54 6.67
C TYR A 334 3.04 13.33 6.70
N VAL A 335 3.49 12.19 6.23
CA VAL A 335 2.66 10.99 6.19
C VAL A 335 2.21 10.55 7.57
N ARG A 336 3.14 10.59 8.54
CA ARG A 336 2.76 10.29 9.92
C ARG A 336 1.59 11.16 10.39
N SER A 337 1.68 12.46 10.07
CA SER A 337 0.61 13.40 10.44
C SER A 337 -0.74 12.94 9.81
N ARG A 338 -0.67 12.62 8.54
CA ARG A 338 -1.88 12.24 7.80
C ARG A 338 -2.42 10.87 8.29
N ILE A 339 -1.57 9.92 8.66
CA ILE A 339 -2.07 8.64 9.17
C ILE A 339 -2.81 8.92 10.48
N LYS A 340 -2.16 9.68 11.36
CA LYS A 340 -2.76 9.99 12.66
C LYS A 340 -4.01 10.85 12.55
N GLY A 341 -4.12 11.60 11.44
CA GLY A 341 -5.19 12.56 11.27
C GLY A 341 -5.03 13.89 12.03
N ILE A 342 -3.80 14.25 12.30
CA ILE A 342 -3.56 15.50 13.00
C ILE A 342 -3.15 16.56 11.96
N PRO A 343 -3.27 17.83 12.42
CA PRO A 343 -2.77 18.92 11.57
C PRO A 343 -1.28 18.77 11.26
N TYR A 344 -0.96 19.10 9.99
CA TYR A 344 0.44 19.08 9.52
C TYR A 344 1.14 20.39 9.98
N GLN A 345 2.16 20.17 10.85
CA GLN A 345 2.86 21.27 11.50
C GLN A 345 4.38 20.94 11.46
N PRO A 346 4.95 21.17 10.25
CA PRO A 346 6.30 20.65 10.04
C PRO A 346 7.39 21.34 10.86
N ILE A 347 8.39 20.55 11.23
CA ILE A 347 9.57 21.09 11.90
C ILE A 347 10.39 21.89 10.92
N GLU A 348 11.12 22.86 11.49
N GLU A 348 11.17 22.82 11.51
CA GLU A 348 12.21 23.46 10.75
CA GLU A 348 12.22 23.53 10.77
C GLU A 348 13.33 22.43 10.56
C GLU A 348 13.49 22.68 10.62
N ARG A 349 13.96 22.53 9.40
CA ARG A 349 15.09 21.68 9.05
C ARG A 349 16.16 22.61 8.57
N THR A 350 16.93 23.17 9.43
N THR A 350 17.01 23.02 9.45
CA THR A 350 18.04 23.98 8.98
CA THR A 350 18.02 23.99 9.06
C THR A 350 19.37 23.41 9.48
C THR A 350 19.38 23.52 9.44
N LEU A 351 20.07 22.84 8.54
CA LEU A 351 21.43 22.36 8.82
C LEU A 351 22.42 23.50 8.77
#